data_7XLT
#
_entry.id   7XLT
#
_cell.length_a   1.00
_cell.length_b   1.00
_cell.length_c   1.00
_cell.angle_alpha   90.00
_cell.angle_beta   90.00
_cell.angle_gamma   90.00
#
_symmetry.space_group_name_H-M   'P 1'
#
loop_
_entity.id
_entity.type
_entity.pdbx_description
1 polymer 'S9.6 Fab HC'
2 polymer 'S9.6 Fab LC'
3 polymer DNA
4 polymer RNA
#
loop_
_entity_poly.entity_id
_entity_poly.type
_entity_poly.pdbx_seq_one_letter_code
_entity_poly.pdbx_strand_id
1 'polypeptide(L)'
;EVQLQQSGPELVKPGASVKMSCKASGYTFTSYVMHWVKQKPGQGLEWIGFINLYNDGTKYNEKFKGKATLTSDKSSSTAY
MELSSLTSKDSAVYYCARDYYGSRWFDYWGQGTTLTVSSAKTTAPSVYPLAPVCGDTTGSSVTLGCLVKGYFPEPVTLTW
NSGSLSSGVHTFPAVLQSDLYTLSSSVTVTSSTWPSQSITCNVAHPASSTKVDKKIEPRV
;
H
2 'polypeptide(L)'
;DVLMTQTPLSLPVSLGDQASISCRSSQSIVHSNGNTYLEWYLQKPGQSPKLLIYKVSNRFSGVPDRFSGSGSGTDFTLKI
SRVEAEDLGVYYCFQGSHVPYTFGGGTKLEIKRADAAPTVSIFPPSSEQLTSGGASVVCFLNNFYPKDINVKWKIDGSER
QNGVLNSWTDQDSKDSTYSMSSTLTLTKDEYERHNSYTCEATHKTSTSPIVKSFNRNEC
;
L
3 'polydeoxyribonucleotide'
;(DT)(DC)(DT)(DG)(DT)(DT)(DC)(DT)(DT)(DC)(DG)(DT)(DG)(DT)(DT)(DC)(DC)(DT)(DC)(DG)
(DT)(DC)(DT)(DG)(DT)(DT)(DC)(DT)(DT)(DC)(DG)(DT)(DG)(DT)(DT)(DC)(DC)(DT)(DC)(DG)
;
A
4 'polyribonucleotide' CGAGGAACACGAAGAACAGACGAGGAACACGAAGAACAGA B
#
loop_
_chem_comp.id
_chem_comp.type
_chem_comp.name
_chem_comp.formula
A RNA linking ADENOSINE-5'-MONOPHOSPHATE 'C10 H14 N5 O7 P'
C RNA linking CYTIDINE-5'-MONOPHOSPHATE 'C9 H14 N3 O8 P'
DC DNA linking 2'-DEOXYCYTIDINE-5'-MONOPHOSPHATE 'C9 H14 N3 O7 P'
DG DNA linking 2'-DEOXYGUANOSINE-5'-MONOPHOSPHATE 'C10 H14 N5 O7 P'
DT DNA linking THYMIDINE-5'-MONOPHOSPHATE 'C10 H15 N2 O8 P'
G RNA linking GUANOSINE-5'-MONOPHOSPHATE 'C10 H14 N5 O8 P'
#
# COMPACT_ATOMS: atom_id res chain seq x y z
N GLU A 1 17.42 -8.88 -20.31
CA GLU A 1 17.42 -8.53 -18.89
C GLU A 1 17.79 -7.07 -18.68
N VAL A 2 16.86 -6.17 -18.99
CA VAL A 2 17.03 -4.75 -18.75
C VAL A 2 16.17 -4.42 -17.54
N GLN A 3 16.77 -4.49 -16.36
CA GLN A 3 16.13 -4.06 -15.12
C GLN A 3 16.93 -2.93 -14.49
N LEU A 4 16.35 -2.32 -13.45
CA LEU A 4 16.94 -1.16 -12.81
C LEU A 4 17.05 -1.42 -11.31
N GLN A 5 17.96 -0.68 -10.66
CA GLN A 5 18.12 -0.73 -9.23
C GLN A 5 18.32 0.69 -8.69
N GLN A 6 17.95 0.88 -7.43
CA GLN A 6 18.04 2.17 -6.77
C GLN A 6 18.75 2.01 -5.43
N SER A 7 18.74 3.05 -4.61
CA SER A 7 19.26 2.96 -3.25
C SER A 7 18.21 2.34 -2.34
N GLY A 8 18.45 2.38 -1.04
CA GLY A 8 17.53 1.78 -0.09
C GLY A 8 16.55 2.80 0.45
N PRO A 9 16.00 2.56 1.63
CA PRO A 9 15.17 3.59 2.29
C PRO A 9 16.03 4.75 2.75
N GLU A 10 15.42 5.93 2.78
CA GLU A 10 16.14 7.11 3.23
C GLU A 10 15.30 7.90 4.23
N LEU A 11 15.95 8.35 5.30
CA LEU A 11 15.36 9.23 6.29
C LEU A 11 16.10 10.56 6.25
N VAL A 12 15.36 11.66 6.21
CA VAL A 12 15.94 12.98 6.01
C VAL A 12 15.31 13.96 7.00
N LYS A 13 16.06 15.04 7.28
CA LYS A 13 15.59 16.11 8.13
C LYS A 13 14.86 17.17 7.29
N PRO A 14 13.92 17.91 7.88
CA PRO A 14 13.33 19.05 7.17
C PRO A 14 14.37 20.13 6.87
N GLY A 15 14.27 20.70 5.67
CA GLY A 15 15.15 21.76 5.24
C GLY A 15 16.46 21.31 4.66
N ALA A 16 16.75 20.01 4.67
CA ALA A 16 18.03 19.49 4.20
C ALA A 16 17.96 19.27 2.69
N SER A 17 18.95 18.55 2.14
CA SER A 17 18.94 18.13 0.76
C SER A 17 19.28 16.64 0.70
N VAL A 18 18.57 15.89 -0.14
CA VAL A 18 18.74 14.45 -0.21
C VAL A 18 18.99 14.08 -1.67
N LYS A 19 19.50 12.87 -1.89
CA LYS A 19 19.93 12.46 -3.22
C LYS A 19 19.28 11.15 -3.65
N MET A 20 19.14 11.02 -4.97
CA MET A 20 18.74 9.80 -5.66
C MET A 20 19.77 9.36 -6.68
N SER A 21 20.19 8.10 -6.58
CA SER A 21 21.03 7.42 -7.56
C SER A 21 20.27 6.26 -8.18
N CYS A 22 20.37 6.13 -9.51
CA CYS A 22 19.60 5.17 -10.29
C CYS A 22 20.55 4.43 -11.23
N LYS A 23 20.65 3.11 -11.08
CA LYS A 23 21.48 2.29 -11.95
C LYS A 23 20.60 1.33 -12.75
N ALA A 24 21.15 0.84 -13.87
CA ALA A 24 20.43 -0.07 -14.74
C ALA A 24 21.39 -1.12 -15.27
N SER A 25 20.95 -1.88 -16.27
CA SER A 25 21.76 -2.95 -16.85
C SER A 25 21.33 -3.18 -18.28
N GLY A 26 22.18 -3.90 -19.02
CA GLY A 26 21.85 -4.33 -20.37
C GLY A 26 22.35 -3.44 -21.48
N TYR A 27 21.48 -2.59 -22.01
CA TYR A 27 21.75 -1.84 -23.22
C TYR A 27 22.47 -0.52 -22.89
N THR A 28 22.64 0.33 -23.90
CA THR A 28 23.37 1.58 -23.76
C THR A 28 22.56 2.60 -22.96
N PHE A 29 23.23 3.69 -22.60
CA PHE A 29 22.64 4.73 -21.78
C PHE A 29 22.40 6.04 -22.51
N THR A 30 23.37 6.51 -23.29
CA THR A 30 23.28 7.81 -23.93
C THR A 30 22.29 7.86 -25.09
N SER A 31 21.83 6.71 -25.57
CA SER A 31 20.89 6.68 -26.69
C SER A 31 19.45 6.96 -26.27
N TYR A 32 19.14 6.91 -24.98
CA TYR A 32 17.77 6.96 -24.50
C TYR A 32 17.58 8.08 -23.49
N VAL A 33 16.39 8.13 -22.91
CA VAL A 33 15.97 9.16 -21.95
C VAL A 33 15.66 8.48 -20.63
N MET A 34 16.12 9.07 -19.53
CA MET A 34 15.72 8.65 -18.20
C MET A 34 14.52 9.49 -17.76
N HIS A 35 13.54 8.83 -17.16
CA HIS A 35 12.25 9.46 -16.89
C HIS A 35 11.90 9.14 -15.46
N TRP A 36 11.01 9.91 -14.84
CA TRP A 36 10.96 9.86 -13.39
C TRP A 36 9.60 10.24 -12.83
N VAL A 37 9.06 9.35 -11.98
CA VAL A 37 7.65 9.35 -11.55
C VAL A 37 7.60 9.35 -10.01
N LYS A 38 6.64 10.10 -9.46
CA LYS A 38 6.40 10.14 -8.02
C LYS A 38 5.16 9.32 -7.69
N GLN A 39 5.16 8.69 -6.50
CA GLN A 39 3.98 7.99 -6.00
C GLN A 39 3.85 8.25 -4.50
N LYS A 40 2.69 8.74 -4.08
CA LYS A 40 2.33 8.79 -2.69
C LYS A 40 1.16 7.84 -2.44
N PRO A 41 1.21 7.00 -1.41
CA PRO A 41 0.15 6.00 -1.23
C PRO A 41 -1.18 6.62 -0.86
N GLY A 42 -2.25 5.91 -1.23
CA GLY A 42 -3.60 6.40 -1.04
C GLY A 42 -4.02 7.51 -1.99
N GLN A 43 -3.27 7.73 -3.06
CA GLN A 43 -3.49 8.85 -3.97
C GLN A 43 -2.79 8.52 -5.29
N GLY A 44 -3.32 9.08 -6.39
CA GLY A 44 -2.83 8.74 -7.71
C GLY A 44 -1.41 9.22 -7.96
N LEU A 45 -0.73 8.53 -8.88
CA LEU A 45 0.68 8.76 -9.11
C LEU A 45 0.87 10.05 -9.91
N GLU A 46 2.12 10.51 -10.00
CA GLU A 46 2.38 11.82 -10.58
C GLU A 46 3.77 11.86 -11.21
N TRP A 47 3.83 12.32 -12.46
CA TRP A 47 5.09 12.43 -13.17
C TRP A 47 5.94 13.56 -12.60
N ILE A 48 7.26 13.32 -12.46
CA ILE A 48 8.15 14.38 -12.03
C ILE A 48 8.91 14.97 -13.21
N GLY A 49 9.73 14.16 -13.88
CA GLY A 49 10.66 14.75 -14.82
C GLY A 49 11.26 13.78 -15.80
N PHE A 50 12.20 14.29 -16.58
CA PHE A 50 12.93 13.52 -17.58
C PHE A 50 14.22 14.24 -17.92
N ILE A 51 15.24 13.46 -18.27
CA ILE A 51 16.53 13.98 -18.73
C ILE A 51 17.03 13.04 -19.83
N ASN A 52 17.36 13.61 -20.99
CA ASN A 52 18.01 12.84 -22.04
C ASN A 52 19.51 12.75 -21.77
N LEU A 53 20.09 11.59 -22.11
CA LEU A 53 21.44 11.27 -21.69
C LEU A 53 22.50 11.59 -22.74
N TYR A 54 22.20 12.46 -23.69
CA TYR A 54 23.18 12.91 -24.67
C TYR A 54 23.44 14.41 -24.58
N ASN A 55 22.39 15.22 -24.61
CA ASN A 55 22.51 16.68 -24.57
C ASN A 55 22.17 17.27 -23.21
N ASP A 56 21.54 16.50 -22.32
CA ASP A 56 21.13 16.90 -20.97
C ASP A 56 20.20 18.11 -21.01
N GLY A 57 19.05 17.90 -21.64
CA GLY A 57 18.02 18.92 -21.70
C GLY A 57 17.24 19.03 -20.40
N THR A 58 17.48 20.10 -19.65
CA THR A 58 16.94 20.26 -18.31
C THR A 58 15.60 20.97 -18.39
N LYS A 59 14.54 20.28 -17.98
CA LYS A 59 13.20 20.84 -17.93
C LYS A 59 12.38 20.06 -16.93
N TYR A 60 11.77 20.76 -15.97
CA TYR A 60 10.92 20.16 -14.97
C TYR A 60 9.48 20.62 -15.16
N ASN A 61 8.62 20.27 -14.20
CA ASN A 61 7.19 20.50 -14.29
C ASN A 61 6.87 21.99 -14.12
N GLU A 62 5.60 22.33 -14.36
CA GLU A 62 5.09 23.68 -14.13
C GLU A 62 5.07 24.03 -12.65
N LYS A 63 5.00 23.04 -11.77
CA LYS A 63 5.04 23.23 -10.33
C LYS A 63 6.40 22.95 -9.72
N PHE A 64 7.10 21.93 -10.22
CA PHE A 64 8.34 21.47 -9.61
C PHE A 64 9.58 22.08 -10.24
N LYS A 65 9.44 23.15 -11.02
CA LYS A 65 10.61 23.83 -11.55
C LYS A 65 11.33 24.55 -10.41
N GLY A 66 12.66 24.47 -10.41
CA GLY A 66 13.47 25.02 -9.35
C GLY A 66 13.43 24.27 -8.04
N LYS A 67 12.70 23.15 -7.96
CA LYS A 67 12.52 22.41 -6.72
C LYS A 67 13.54 21.29 -6.59
N ALA A 68 13.51 20.34 -7.53
CA ALA A 68 14.44 19.22 -7.57
C ALA A 68 15.31 19.34 -8.82
N THR A 69 16.55 18.91 -8.70
CA THR A 69 17.50 18.99 -9.81
C THR A 69 17.83 17.60 -10.31
N LEU A 70 17.91 17.46 -11.64
CA LEU A 70 18.09 16.19 -12.31
C LEU A 70 19.38 16.24 -13.13
N THR A 71 20.28 15.29 -12.88
CA THR A 71 21.58 15.20 -13.53
C THR A 71 21.79 13.70 -13.79
N SER A 72 22.86 13.33 -14.51
CA SER A 72 23.22 11.93 -14.65
C SER A 72 24.72 11.83 -14.93
N ASP A 73 25.20 10.59 -15.04
CA ASP A 73 26.59 10.29 -15.36
C ASP A 73 26.63 8.94 -16.07
N LYS A 74 27.44 8.86 -17.12
CA LYS A 74 27.48 7.67 -17.97
C LYS A 74 28.49 6.64 -17.48
N SER A 75 29.65 7.10 -16.99
CA SER A 75 30.70 6.19 -16.53
C SER A 75 30.28 5.40 -15.29
N SER A 76 29.50 6.03 -14.41
CA SER A 76 28.91 5.32 -13.28
C SER A 76 27.59 4.67 -13.64
N SER A 77 27.06 4.94 -14.84
CA SER A 77 25.77 4.44 -15.34
C SER A 77 24.63 4.79 -14.38
N THR A 78 24.61 6.04 -13.95
CA THR A 78 23.75 6.46 -12.85
C THR A 78 22.98 7.72 -13.22
N ALA A 79 21.75 7.80 -12.74
CA ALA A 79 20.94 9.01 -12.79
C ALA A 79 20.82 9.59 -11.39
N TYR A 80 20.69 10.91 -11.31
CA TYR A 80 20.81 11.64 -10.05
C TYR A 80 19.69 12.64 -9.91
N MET A 81 19.00 12.59 -8.78
CA MET A 81 18.25 13.73 -8.28
C MET A 81 18.88 14.30 -7.02
N GLU A 82 18.71 15.61 -6.85
CA GLU A 82 18.86 16.23 -5.54
C GLU A 82 17.54 16.93 -5.21
N LEU A 83 17.08 16.74 -3.98
CA LEU A 83 15.81 17.23 -3.50
C LEU A 83 16.08 18.22 -2.37
N SER A 84 15.52 19.42 -2.51
CA SER A 84 15.59 20.46 -1.48
C SER A 84 14.19 21.00 -1.20
N SER A 85 14.11 22.04 -0.37
CA SER A 85 12.85 22.66 0.10
C SER A 85 11.94 21.62 0.73
N LEU A 86 12.52 20.80 1.61
CA LEU A 86 11.89 19.58 2.07
C LEU A 86 10.79 19.86 3.09
N THR A 87 9.79 18.99 3.11
CA THR A 87 8.69 19.05 4.04
C THR A 87 8.11 17.65 4.18
N SER A 88 7.32 17.45 5.23
CA SER A 88 6.90 16.11 5.63
C SER A 88 5.81 15.50 4.76
N LYS A 89 5.22 16.26 3.84
CA LYS A 89 4.13 15.70 3.04
C LYS A 89 4.62 14.84 1.87
N ASP A 90 5.92 14.81 1.60
CA ASP A 90 6.43 14.03 0.47
C ASP A 90 7.19 12.78 0.92
N SER A 91 6.91 12.28 2.12
CA SER A 91 7.46 11.00 2.56
C SER A 91 6.76 9.86 1.83
N ALA A 92 7.33 9.43 0.71
CA ALA A 92 6.60 8.62 -0.25
C ALA A 92 7.61 7.85 -1.11
N VAL A 93 7.12 7.21 -2.17
CA VAL A 93 7.93 6.31 -2.98
C VAL A 93 8.23 6.97 -4.33
N TYR A 94 9.50 7.01 -4.69
CA TYR A 94 9.93 7.65 -5.93
C TYR A 94 10.51 6.60 -6.88
N TYR A 95 10.16 6.72 -8.17
CA TYR A 95 10.32 5.66 -9.16
C TYR A 95 11.11 6.13 -10.36
N CYS A 96 12.21 5.43 -10.66
CA CYS A 96 13.03 5.64 -11.83
C CYS A 96 12.42 4.92 -13.02
N ALA A 97 12.67 5.44 -14.23
CA ALA A 97 11.90 4.99 -15.39
C ALA A 97 12.75 4.98 -16.64
N ARG A 98 12.55 3.94 -17.44
CA ARG A 98 13.20 3.80 -18.75
C ARG A 98 12.23 4.20 -19.85
N ASP A 99 12.66 5.10 -20.72
CA ASP A 99 11.86 5.53 -21.86
C ASP A 99 11.87 4.45 -22.95
N TYR A 100 10.83 4.45 -23.77
CA TYR A 100 10.76 3.63 -24.97
C TYR A 100 10.67 4.45 -26.24
N TYR A 101 10.33 5.74 -26.14
CA TYR A 101 10.14 6.62 -27.29
C TYR A 101 10.12 8.05 -26.81
N GLY A 102 11.10 8.86 -27.26
CA GLY A 102 11.10 10.32 -27.26
C GLY A 102 10.55 11.08 -26.07
N SER A 103 10.71 10.51 -24.87
CA SER A 103 10.06 10.94 -23.63
C SER A 103 8.55 11.05 -23.82
N ARG A 104 7.94 9.93 -24.20
CA ARG A 104 6.51 9.88 -24.49
C ARG A 104 5.79 8.80 -23.69
N TRP A 105 6.43 7.65 -23.43
CA TRP A 105 5.87 6.75 -22.43
C TRP A 105 7.00 6.16 -21.60
N PHE A 106 6.71 5.13 -20.80
CA PHE A 106 7.71 4.38 -20.08
C PHE A 106 7.53 2.90 -20.39
N ASP A 107 8.62 2.15 -20.31
CA ASP A 107 8.59 0.74 -20.69
C ASP A 107 8.93 -0.16 -19.51
N TYR A 108 10.06 0.03 -18.82
CA TYR A 108 10.28 -0.62 -17.53
C TYR A 108 10.61 0.41 -16.45
N TRP A 109 10.42 -0.01 -15.20
CA TRP A 109 10.55 0.84 -14.03
C TRP A 109 11.49 0.22 -13.01
N GLY A 110 12.19 1.08 -12.27
CA GLY A 110 13.01 0.67 -11.16
C GLY A 110 12.18 0.39 -9.92
N GLN A 111 12.88 0.06 -8.83
CA GLN A 111 12.20 -0.25 -7.59
C GLN A 111 11.88 0.98 -6.74
N GLY A 112 12.51 2.12 -7.00
CA GLY A 112 12.23 3.34 -6.28
C GLY A 112 12.73 3.31 -4.85
N THR A 113 12.49 4.40 -4.12
CA THR A 113 12.81 4.41 -2.70
C THR A 113 11.62 4.91 -1.89
N THR A 114 11.70 4.63 -0.59
CA THR A 114 10.89 5.29 0.43
C THR A 114 11.70 6.46 0.97
N LEU A 115 11.39 7.66 0.48
CA LEU A 115 11.95 8.90 1.01
C LEU A 115 11.08 9.40 2.15
N THR A 116 11.60 9.39 3.37
CA THR A 116 10.84 9.77 4.55
C THR A 116 11.50 10.96 5.22
N VAL A 117 10.68 11.77 5.88
CA VAL A 117 11.13 12.95 6.60
C VAL A 117 11.10 12.64 8.08
N SER A 118 12.21 12.87 8.76
CA SER A 118 12.35 12.51 10.16
C SER A 118 11.57 13.45 11.06
N SER A 119 10.96 12.88 12.10
CA SER A 119 10.26 13.65 13.11
C SER A 119 10.44 12.95 14.45
N ALA A 120 10.48 13.76 15.51
CA ALA A 120 10.71 13.35 16.92
C ALA A 120 12.06 12.62 16.97
N LYS A 121 12.17 11.50 17.69
CA LYS A 121 13.42 10.79 17.84
C LYS A 121 13.20 9.31 17.56
N THR A 122 14.26 8.63 17.17
CA THR A 122 14.21 7.21 16.85
C THR A 122 14.20 6.40 18.15
N THR A 123 13.06 5.81 18.47
CA THR A 123 12.90 5.03 19.69
C THR A 123 12.77 3.55 19.36
N ALA A 124 13.22 2.71 20.30
CA ALA A 124 13.03 1.28 20.16
C ALA A 124 11.56 0.93 20.37
N PRO A 125 11.04 -0.06 19.65
CA PRO A 125 9.62 -0.41 19.79
C PRO A 125 9.34 -1.21 21.06
N SER A 126 8.10 -1.15 21.49
CA SER A 126 7.60 -1.92 22.61
C SER A 126 6.65 -2.99 22.07
N VAL A 127 7.05 -4.24 22.15
CA VAL A 127 6.28 -5.35 21.60
C VAL A 127 5.55 -6.06 22.73
N TYR A 128 4.33 -6.54 22.43
CA TYR A 128 3.48 -7.24 23.37
C TYR A 128 2.89 -8.45 22.67
N PRO A 129 3.06 -9.65 23.22
CA PRO A 129 2.38 -10.82 22.67
C PRO A 129 0.91 -10.84 23.06
N LEU A 130 0.07 -11.21 22.11
CA LEU A 130 -1.37 -11.28 22.34
C LEU A 130 -1.70 -12.54 23.11
N ALA A 131 -2.21 -12.36 24.34
CA ALA A 131 -2.61 -13.45 25.20
C ALA A 131 -4.10 -13.75 25.04
N PRO A 132 -4.48 -15.03 24.98
CA PRO A 132 -5.89 -15.38 24.83
C PRO A 132 -6.68 -15.08 26.10
N VAL A 133 -8.01 -15.02 25.92
CA VAL A 133 -8.91 -14.76 27.03
C VAL A 133 -8.93 -15.96 27.99
N CYS A 134 -9.06 -17.17 27.45
CA CYS A 134 -9.14 -18.37 28.27
C CYS A 134 -7.83 -19.14 28.34
N GLY A 135 -6.81 -18.76 27.57
CA GLY A 135 -5.55 -19.45 27.63
C GLY A 135 -5.43 -20.55 26.59
N ASP A 136 -5.74 -21.79 27.00
CA ASP A 136 -5.62 -22.96 26.14
C ASP A 136 -6.75 -22.98 25.10
N THR A 137 -6.78 -24.03 24.29
CA THR A 137 -7.75 -24.15 23.21
C THR A 137 -9.13 -24.44 23.79
N THR A 138 -10.03 -23.46 23.70
CA THR A 138 -11.39 -23.61 24.18
C THR A 138 -12.39 -23.40 23.05
N GLY A 139 -12.12 -23.98 21.89
CA GLY A 139 -13.02 -23.83 20.76
C GLY A 139 -12.48 -24.54 19.53
N SER A 140 -13.10 -24.23 18.39
CA SER A 140 -12.71 -24.86 17.13
C SER A 140 -11.36 -24.35 16.64
N SER A 141 -11.04 -23.09 16.92
CA SER A 141 -9.78 -22.49 16.49
C SER A 141 -9.43 -21.37 17.45
N VAL A 142 -8.13 -21.08 17.58
CA VAL A 142 -7.69 -20.04 18.49
C VAL A 142 -7.04 -18.91 17.67
N THR A 143 -6.94 -17.74 18.31
CA THR A 143 -6.43 -16.55 17.67
C THR A 143 -5.32 -15.96 18.52
N LEU A 144 -4.19 -15.64 17.87
CA LEU A 144 -3.06 -15.02 18.56
C LEU A 144 -2.55 -13.85 17.72
N GLY A 145 -1.50 -13.16 18.18
CA GLY A 145 -0.96 -12.08 17.37
C GLY A 145 0.18 -11.29 17.98
N CYS A 146 0.20 -9.99 17.70
CA CYS A 146 1.32 -9.13 18.10
C CYS A 146 0.84 -7.69 18.12
N LEU A 147 1.20 -6.97 19.19
CA LEU A 147 0.83 -5.57 19.36
C LEU A 147 2.10 -4.78 19.64
N VAL A 148 2.47 -3.88 18.73
CA VAL A 148 3.72 -3.13 18.81
C VAL A 148 3.37 -1.65 18.89
N LYS A 149 3.97 -0.95 19.86
CA LYS A 149 3.68 0.45 20.11
C LYS A 149 4.97 1.20 20.42
N GLY A 150 5.08 2.43 19.91
CA GLY A 150 6.16 3.33 20.30
C GLY A 150 7.45 3.22 19.52
N TYR A 151 7.40 3.41 18.21
CA TYR A 151 8.61 3.40 17.40
C TYR A 151 8.48 4.43 16.29
N PHE A 152 9.57 5.14 16.01
CA PHE A 152 9.58 6.11 14.91
C PHE A 152 9.77 5.48 13.51
N PRO A 153 10.81 4.68 13.21
CA PRO A 153 11.04 4.32 11.82
C PRO A 153 10.08 3.26 11.30
N GLU A 154 9.68 3.43 10.03
CA GLU A 154 8.80 2.54 9.28
C GLU A 154 9.31 1.11 9.08
N PRO A 155 10.64 0.82 8.81
CA PRO A 155 11.03 -0.59 8.67
C PRO A 155 10.97 -1.39 9.97
N VAL A 156 9.77 -1.86 10.29
CA VAL A 156 9.45 -2.55 11.54
C VAL A 156 8.98 -3.95 11.17
N THR A 157 9.58 -4.50 10.11
CA THR A 157 8.98 -5.56 9.29
C THR A 157 8.67 -6.83 10.09
N LEU A 158 7.43 -7.30 9.93
CA LEU A 158 6.85 -8.33 10.81
C LEU A 158 6.96 -9.69 10.13
N THR A 159 7.75 -10.57 10.74
CA THR A 159 7.88 -11.94 10.27
C THR A 159 7.48 -12.91 11.37
N TRP A 160 6.93 -14.05 10.96
CA TRP A 160 6.58 -15.14 11.86
C TRP A 160 7.52 -16.30 11.59
N ASN A 161 8.24 -16.74 12.64
CA ASN A 161 9.23 -17.82 12.58
C ASN A 161 10.31 -17.53 11.54
N SER A 162 10.73 -16.25 11.46
CA SER A 162 11.78 -15.75 10.57
C SER A 162 11.46 -16.02 9.09
N GLY A 163 10.36 -15.44 8.64
CA GLY A 163 9.98 -15.47 7.24
C GLY A 163 8.89 -16.47 6.89
N SER A 164 8.52 -17.36 7.80
CA SER A 164 7.52 -18.38 7.52
C SER A 164 6.12 -17.84 7.79
N LEU A 165 5.13 -18.73 7.76
CA LEU A 165 3.70 -18.46 7.99
C LEU A 165 3.17 -17.40 7.00
N SER A 166 3.19 -17.79 5.73
CA SER A 166 2.60 -16.98 4.67
C SER A 166 1.14 -17.34 4.40
N SER A 167 0.59 -18.32 5.13
CA SER A 167 -0.79 -18.74 4.98
C SER A 167 -1.53 -18.52 6.29
N GLY A 168 -2.74 -17.97 6.20
CA GLY A 168 -3.50 -17.63 7.38
C GLY A 168 -2.90 -16.53 8.21
N VAL A 169 -2.37 -15.49 7.56
CA VAL A 169 -1.67 -14.41 8.25
C VAL A 169 -2.34 -13.09 7.87
N HIS A 170 -2.25 -12.11 8.78
CA HIS A 170 -2.81 -10.78 8.56
C HIS A 170 -1.73 -9.74 8.86
N THR A 171 -0.91 -9.44 7.85
CA THR A 171 0.01 -8.33 7.96
C THR A 171 -0.77 -7.02 7.94
N PHE A 172 -0.22 -6.00 8.60
CA PHE A 172 -0.98 -4.79 8.81
C PHE A 172 -0.09 -3.57 8.62
N PRO A 173 -0.66 -2.46 8.17
CA PRO A 173 0.12 -1.22 8.03
C PRO A 173 0.35 -0.54 9.37
N ALA A 174 1.19 0.49 9.32
CA ALA A 174 1.50 1.33 10.47
C ALA A 174 1.00 2.75 10.23
N VAL A 175 0.73 3.46 11.32
CA VAL A 175 0.13 4.79 11.28
C VAL A 175 1.20 5.81 11.60
N LEU A 176 1.35 6.81 10.73
CA LEU A 176 2.41 7.81 10.86
C LEU A 176 1.99 9.05 11.63
N GLN A 177 0.73 9.16 12.04
CA GLN A 177 0.24 10.37 12.69
C GLN A 177 0.85 10.56 14.08
N SER A 178 1.19 11.82 14.38
CA SER A 178 1.80 12.29 15.64
C SER A 178 3.12 11.59 15.97
N ASP A 179 3.76 10.98 14.95
CA ASP A 179 4.92 10.08 15.09
C ASP A 179 4.66 8.99 16.12
N LEU A 180 3.44 8.46 16.11
CA LEU A 180 3.06 7.37 17.02
C LEU A 180 2.55 6.23 16.15
N TYR A 181 3.27 5.11 16.17
CA TYR A 181 3.04 4.01 15.26
C TYR A 181 2.54 2.80 16.03
N THR A 182 1.39 2.27 15.62
CA THR A 182 0.80 1.08 16.22
C THR A 182 0.73 -0.02 15.17
N LEU A 183 1.24 -1.20 15.53
CA LEU A 183 1.17 -2.37 14.68
C LEU A 183 0.37 -3.46 15.38
N SER A 184 -0.68 -3.94 14.72
CA SER A 184 -1.54 -4.95 15.33
C SER A 184 -1.77 -6.06 14.32
N SER A 185 -1.25 -7.25 14.60
CA SER A 185 -1.39 -8.38 13.68
C SER A 185 -2.02 -9.57 14.40
N SER A 186 -2.80 -10.34 13.63
CA SER A 186 -3.55 -11.47 14.16
C SER A 186 -3.39 -12.68 13.24
N VAL A 187 -3.26 -13.85 13.83
CA VAL A 187 -3.20 -15.13 13.13
C VAL A 187 -4.22 -16.05 13.78
N THR A 188 -5.09 -16.65 12.97
CA THR A 188 -6.06 -17.63 13.42
C THR A 188 -5.52 -19.02 13.11
N VAL A 189 -5.14 -19.76 14.14
CA VAL A 189 -4.52 -21.07 13.97
C VAL A 189 -5.47 -22.12 14.55
N THR A 190 -5.22 -23.38 14.17
CA THR A 190 -6.13 -24.48 14.44
C THR A 190 -6.10 -24.87 15.92
N SER A 191 -6.96 -25.84 16.27
CA SER A 191 -7.18 -26.20 17.66
C SER A 191 -6.01 -26.99 18.23
N SER A 192 -5.44 -27.91 17.44
CA SER A 192 -4.43 -28.84 17.93
C SER A 192 -3.01 -28.38 17.65
N THR A 193 -2.75 -27.07 17.59
CA THR A 193 -1.43 -26.54 17.32
C THR A 193 -0.94 -25.55 18.36
N TRP A 194 -1.57 -25.50 19.55
CA TRP A 194 -1.18 -24.51 20.54
C TRP A 194 0.13 -24.84 21.27
N PRO A 195 0.26 -25.97 22.00
CA PRO A 195 1.39 -26.07 22.95
C PRO A 195 2.75 -26.31 22.31
N SER A 196 2.80 -26.87 21.10
CA SER A 196 4.07 -27.12 20.42
C SER A 196 4.40 -26.03 19.40
N GLN A 197 3.41 -25.64 18.59
CA GLN A 197 3.63 -24.63 17.54
C GLN A 197 3.19 -23.27 18.08
N SER A 198 4.07 -22.66 18.87
CA SER A 198 3.84 -21.31 19.36
C SER A 198 4.57 -20.35 18.42
N ILE A 199 3.82 -19.77 17.47
CA ILE A 199 4.40 -18.92 16.45
C ILE A 199 4.77 -17.58 17.06
N THR A 200 6.00 -17.13 16.80
CA THR A 200 6.55 -15.95 17.44
C THR A 200 6.49 -14.74 16.51
N CYS A 201 6.15 -13.59 17.08
CA CYS A 201 6.17 -12.35 16.35
C CYS A 201 7.60 -11.83 16.28
N ASN A 202 7.97 -11.26 15.13
CA ASN A 202 9.35 -10.84 14.92
C ASN A 202 9.36 -9.47 14.24
N VAL A 203 9.88 -8.49 14.95
CA VAL A 203 10.12 -7.16 14.39
C VAL A 203 11.56 -7.13 13.88
N ALA A 204 11.73 -6.86 12.60
CA ALA A 204 13.03 -6.58 12.02
C ALA A 204 13.16 -5.07 11.89
N HIS A 205 14.22 -4.52 12.46
CA HIS A 205 14.34 -3.08 12.56
C HIS A 205 15.81 -2.70 12.61
N PRO A 206 16.34 -2.09 11.55
CA PRO A 206 17.80 -1.87 11.49
C PRO A 206 18.30 -0.79 12.42
N ALA A 207 17.57 0.31 12.57
CA ALA A 207 18.03 1.39 13.44
C ALA A 207 17.84 1.05 14.91
N SER A 208 16.83 0.23 15.23
CA SER A 208 16.47 0.01 16.63
C SER A 208 16.68 -1.42 17.09
N SER A 209 16.03 -2.41 16.49
CA SER A 209 15.92 -3.69 17.17
C SER A 209 15.55 -4.83 16.23
N THR A 210 16.14 -5.99 16.48
CA THR A 210 15.70 -7.26 15.91
C THR A 210 15.05 -8.03 17.07
N LYS A 211 13.75 -7.84 17.24
CA LYS A 211 13.05 -8.27 18.44
C LYS A 211 12.16 -9.48 18.13
N VAL A 212 12.21 -10.48 19.01
CA VAL A 212 11.42 -11.70 18.87
C VAL A 212 10.61 -11.87 20.16
N ASP A 213 9.30 -12.04 20.02
CA ASP A 213 8.43 -12.25 21.17
C ASP A 213 7.59 -13.51 20.95
N LYS A 214 7.62 -14.39 21.95
CA LYS A 214 6.82 -15.61 21.97
C LYS A 214 5.68 -15.45 22.96
N LYS A 215 4.51 -15.96 22.57
CA LYS A 215 3.29 -15.81 23.35
C LYS A 215 3.32 -16.65 24.62
N ASP B 1 -4.25 22.82 -17.75
CA ASP B 1 -4.25 21.77 -16.74
C ASP B 1 -4.89 20.49 -17.28
N VAL B 2 -4.51 19.35 -16.73
CA VAL B 2 -4.93 18.05 -17.23
C VAL B 2 -5.71 17.32 -16.13
N LEU B 3 -6.95 16.96 -16.45
CA LEU B 3 -7.78 16.09 -15.61
C LEU B 3 -8.19 14.87 -16.43
N MET B 4 -8.32 13.74 -15.75
CA MET B 4 -8.73 12.49 -16.36
C MET B 4 -9.88 11.94 -15.55
N THR B 5 -10.79 11.22 -16.20
CA THR B 5 -12.00 10.71 -15.56
C THR B 5 -11.98 9.19 -15.56
N GLN B 6 -12.02 8.61 -14.36
CA GLN B 6 -11.97 7.17 -14.17
C GLN B 6 -13.39 6.69 -13.82
N THR B 7 -14.24 6.63 -14.85
CA THR B 7 -15.63 6.21 -14.68
C THR B 7 -15.72 4.74 -14.22
N PRO B 8 -14.86 3.79 -14.70
CA PRO B 8 -14.73 2.54 -13.94
C PRO B 8 -13.72 2.67 -12.81
N LEU B 9 -14.15 3.23 -11.67
CA LEU B 9 -13.28 3.30 -10.50
C LEU B 9 -13.04 1.90 -9.94
N SER B 10 -14.09 1.11 -9.81
CA SER B 10 -14.00 -0.29 -9.42
C SER B 10 -14.80 -1.11 -10.43
N LEU B 11 -14.81 -2.43 -10.22
CA LEU B 11 -15.44 -3.34 -11.17
C LEU B 11 -15.74 -4.67 -10.50
N PRO B 12 -16.84 -5.33 -10.87
CA PRO B 12 -17.03 -6.72 -10.43
C PRO B 12 -16.42 -7.71 -11.41
N VAL B 13 -15.40 -8.46 -10.99
CA VAL B 13 -14.76 -9.46 -11.84
C VAL B 13 -14.47 -10.70 -11.00
N SER B 14 -14.95 -11.84 -11.46
CA SER B 14 -14.57 -13.15 -10.95
C SER B 14 -13.62 -13.81 -11.94
N LEU B 15 -13.15 -15.00 -11.59
CA LEU B 15 -12.16 -15.72 -12.42
C LEU B 15 -12.89 -16.41 -13.56
N GLY B 16 -13.07 -15.67 -14.66
CA GLY B 16 -13.62 -16.26 -15.86
C GLY B 16 -14.66 -15.42 -16.59
N ASP B 17 -14.93 -14.22 -16.10
CA ASP B 17 -15.90 -13.34 -16.73
C ASP B 17 -15.19 -12.26 -17.55
N GLN B 18 -15.96 -11.32 -18.08
CA GLN B 18 -15.46 -10.25 -18.93
C GLN B 18 -15.52 -8.92 -18.21
N ALA B 19 -14.80 -7.95 -18.76
CA ALA B 19 -14.80 -6.59 -18.23
C ALA B 19 -14.33 -5.64 -19.32
N SER B 20 -14.80 -4.39 -19.23
CA SER B 20 -14.35 -3.30 -20.08
C SER B 20 -14.17 -2.05 -19.23
N ILE B 21 -13.02 -1.40 -19.40
CA ILE B 21 -12.65 -0.25 -18.58
C ILE B 21 -12.39 0.91 -19.53
N SER B 22 -13.08 2.03 -19.31
CA SER B 22 -12.98 3.21 -20.18
C SER B 22 -12.35 4.36 -19.42
N CYS B 23 -11.04 4.53 -19.59
CA CYS B 23 -10.37 5.76 -19.18
C CYS B 23 -10.84 6.89 -20.08
N ARG B 24 -11.38 7.96 -19.50
CA ARG B 24 -12.03 8.99 -20.31
C ARG B 24 -11.28 10.31 -20.17
N SER B 25 -10.99 10.93 -21.30
CA SER B 25 -10.30 12.21 -21.34
C SER B 25 -11.28 13.36 -21.21
N SER B 26 -10.79 14.47 -20.64
CA SER B 26 -11.62 15.65 -20.48
C SER B 26 -11.83 16.37 -21.82
N GLN B 27 -10.80 16.38 -22.67
CA GLN B 27 -10.88 17.01 -23.98
C GLN B 27 -10.51 15.98 -25.06
N SER B 28 -10.26 16.45 -26.27
CA SER B 28 -9.88 15.56 -27.37
C SER B 28 -8.48 14.99 -27.14
N ILE B 29 -8.12 14.01 -27.97
CA ILE B 29 -6.89 13.24 -27.80
C ILE B 29 -6.03 13.23 -29.05
N VAL B 30 -6.48 13.87 -30.14
CA VAL B 30 -5.82 13.72 -31.44
C VAL B 30 -4.47 14.43 -31.46
N HIS B 31 -3.62 13.97 -32.36
CA HIS B 31 -2.26 14.47 -32.53
C HIS B 31 -2.10 14.90 -33.98
N SER B 32 -1.04 15.69 -34.25
CA SER B 32 -0.77 16.18 -35.59
C SER B 32 -0.43 15.06 -36.57
N ASN B 33 0.01 13.90 -36.09
CA ASN B 33 0.19 12.74 -36.95
C ASN B 33 -1.11 12.00 -37.23
N GLY B 34 -2.20 12.36 -36.56
CA GLY B 34 -3.47 11.70 -36.72
C GLY B 34 -3.69 10.51 -35.81
N ASN B 35 -2.65 10.01 -35.15
CA ASN B 35 -2.74 8.88 -34.25
C ASN B 35 -2.94 9.36 -32.82
N THR B 36 -3.21 8.39 -31.93
CA THR B 36 -3.21 8.64 -30.50
C THR B 36 -2.33 7.57 -29.85
N TYR B 37 -1.69 7.96 -28.75
CA TYR B 37 -0.70 7.10 -28.09
C TYR B 37 -1.09 7.01 -26.62
N LEU B 38 -1.83 5.96 -26.27
CA LEU B 38 -2.40 5.78 -24.94
C LEU B 38 -1.82 4.52 -24.31
N GLU B 39 -1.48 4.59 -23.04
CA GLU B 39 -0.74 3.54 -22.37
C GLU B 39 -1.37 3.18 -21.03
N TRP B 40 -1.38 1.87 -20.78
CA TRP B 40 -1.99 1.24 -19.62
C TRP B 40 -0.96 0.37 -18.94
N TYR B 41 -0.84 0.53 -17.62
CA TYR B 41 0.19 -0.09 -16.79
C TYR B 41 -0.44 -0.92 -15.68
N LEU B 42 0.20 -2.05 -15.37
CA LEU B 42 -0.28 -3.02 -14.38
C LEU B 42 0.68 -3.11 -13.20
N GLN B 43 0.12 -3.06 -11.99
CA GLN B 43 0.88 -3.21 -10.74
C GLN B 43 0.31 -4.33 -9.90
N LYS B 44 0.98 -5.48 -9.86
CA LYS B 44 0.69 -6.45 -8.82
C LYS B 44 1.31 -5.98 -7.51
N PRO B 45 0.59 -6.09 -6.37
CA PRO B 45 1.14 -5.61 -5.09
C PRO B 45 2.37 -6.36 -4.63
N GLY B 46 3.51 -5.67 -4.60
CA GLY B 46 4.75 -6.28 -4.18
C GLY B 46 5.93 -5.92 -5.05
N GLN B 47 5.69 -5.65 -6.33
CA GLN B 47 6.75 -5.36 -7.28
C GLN B 47 6.40 -4.09 -8.05
N SER B 48 7.42 -3.55 -8.72
CA SER B 48 7.26 -2.34 -9.53
C SER B 48 6.34 -2.59 -10.72
N PRO B 49 5.52 -1.61 -11.10
CA PRO B 49 4.63 -1.80 -12.24
C PRO B 49 5.39 -1.81 -13.56
N LYS B 50 4.71 -2.29 -14.61
CA LYS B 50 5.32 -2.53 -15.91
C LYS B 50 4.34 -2.13 -17.00
N LEU B 51 4.86 -1.97 -18.21
CA LEU B 51 4.06 -1.58 -19.36
C LEU B 51 3.22 -2.75 -19.84
N LEU B 52 1.94 -2.49 -20.10
CA LEU B 52 1.04 -3.51 -20.63
C LEU B 52 0.49 -3.16 -22.00
N ILE B 53 -0.06 -1.96 -22.18
CA ILE B 53 -0.62 -1.54 -23.47
C ILE B 53 0.02 -0.20 -23.82
N TYR B 54 0.52 -0.06 -25.06
CA TYR B 54 1.32 1.11 -25.38
C TYR B 54 0.69 2.10 -26.35
N LYS B 55 -0.12 1.68 -27.34
CA LYS B 55 -0.70 2.67 -28.23
C LYS B 55 -2.22 2.74 -28.13
N VAL B 56 -2.96 1.72 -28.60
CA VAL B 56 -4.38 1.56 -28.27
C VAL B 56 -4.60 0.09 -27.96
N SER B 57 -4.18 -0.77 -28.89
CA SER B 57 -4.40 -2.21 -28.85
C SER B 57 -3.13 -3.03 -28.94
N ASN B 58 -2.11 -2.53 -29.63
CA ASN B 58 -0.82 -3.21 -29.63
C ASN B 58 -0.12 -2.99 -28.29
N ARG B 59 0.87 -3.82 -28.00
CA ARG B 59 1.22 -4.06 -26.61
C ARG B 59 2.73 -4.25 -26.50
N PHE B 60 3.16 -4.73 -25.34
CA PHE B 60 4.58 -4.98 -25.08
C PHE B 60 4.93 -6.40 -25.51
N SER B 61 6.17 -6.56 -25.98
CA SER B 61 6.64 -7.83 -26.53
C SER B 61 6.75 -8.87 -25.42
N GLY B 62 5.85 -9.85 -25.43
CA GLY B 62 5.90 -10.94 -24.49
C GLY B 62 4.73 -11.01 -23.53
N VAL B 63 3.78 -10.09 -23.66
CA VAL B 63 2.57 -10.12 -22.83
C VAL B 63 1.60 -11.14 -23.42
N PRO B 64 0.68 -11.69 -22.64
CA PRO B 64 -0.41 -12.47 -23.22
C PRO B 64 -1.34 -11.58 -24.05
N ASP B 65 -1.96 -12.18 -25.05
CA ASP B 65 -2.87 -11.48 -25.96
C ASP B 65 -4.30 -11.46 -25.44
N ARG B 66 -4.53 -11.92 -24.21
CA ARG B 66 -5.88 -12.05 -23.68
C ARG B 66 -6.53 -10.71 -23.37
N PHE B 67 -5.77 -9.69 -22.97
CA PHE B 67 -6.29 -8.34 -22.90
C PHE B 67 -6.44 -7.78 -24.31
N SER B 68 -7.30 -6.77 -24.44
CA SER B 68 -7.44 -6.09 -25.72
C SER B 68 -7.80 -4.64 -25.47
N GLY B 69 -7.43 -3.77 -26.41
CA GLY B 69 -7.73 -2.35 -26.31
C GLY B 69 -8.52 -1.87 -27.50
N SER B 70 -9.33 -0.83 -27.29
CA SER B 70 -10.17 -0.28 -28.35
C SER B 70 -10.60 1.14 -27.97
N GLY B 71 -11.17 1.82 -28.94
CA GLY B 71 -11.78 3.11 -28.74
C GLY B 71 -10.99 4.23 -29.40
N SER B 72 -11.70 5.32 -29.67
CA SER B 72 -11.09 6.54 -30.20
C SER B 72 -12.02 7.70 -29.89
N GLY B 73 -11.43 8.85 -29.62
CA GLY B 73 -12.21 10.02 -29.26
C GLY B 73 -11.88 10.57 -27.89
N THR B 74 -12.82 10.45 -26.94
CA THR B 74 -12.61 10.95 -25.59
C THR B 74 -12.65 9.87 -24.52
N ASP B 75 -13.09 8.66 -24.83
CA ASP B 75 -13.08 7.55 -23.88
C ASP B 75 -12.51 6.31 -24.55
N PHE B 76 -11.66 5.60 -23.82
CA PHE B 76 -10.86 4.51 -24.37
C PHE B 76 -11.01 3.29 -23.49
N THR B 77 -11.26 2.14 -24.11
CA THR B 77 -11.67 0.94 -23.39
C THR B 77 -10.63 -0.16 -23.52
N LEU B 78 -10.54 -0.99 -22.49
CA LEU B 78 -9.84 -2.26 -22.54
C LEU B 78 -10.83 -3.36 -22.16
N LYS B 79 -10.72 -4.49 -22.82
CA LYS B 79 -11.60 -5.64 -22.62
C LYS B 79 -10.79 -6.85 -22.20
N ILE B 80 -11.33 -7.61 -21.25
CA ILE B 80 -10.74 -8.85 -20.76
C ILE B 80 -11.85 -9.90 -20.62
N SER B 81 -11.50 -11.15 -20.92
CA SER B 81 -12.37 -12.29 -20.69
C SER B 81 -11.51 -13.46 -20.25
N ARG B 82 -12.13 -14.40 -19.52
CA ARG B 82 -11.48 -15.55 -18.88
C ARG B 82 -10.33 -15.09 -17.97
N VAL B 83 -10.74 -14.40 -16.91
CA VAL B 83 -9.80 -13.74 -16.01
C VAL B 83 -9.05 -14.78 -15.20
N GLU B 84 -7.72 -14.65 -15.17
CA GLU B 84 -6.85 -15.57 -14.45
C GLU B 84 -6.60 -15.05 -13.03
N ALA B 85 -5.66 -15.66 -12.31
CA ALA B 85 -5.36 -15.27 -10.94
C ALA B 85 -4.04 -14.54 -10.77
N GLU B 86 -3.12 -14.68 -11.72
CA GLU B 86 -1.77 -14.13 -11.58
C GLU B 86 -1.61 -12.74 -12.18
N ASP B 87 -2.68 -12.13 -12.69
CA ASP B 87 -2.61 -10.81 -13.31
C ASP B 87 -3.36 -9.75 -12.49
N LEU B 88 -3.44 -9.94 -11.18
CA LEU B 88 -4.09 -8.96 -10.31
C LEU B 88 -3.22 -7.72 -10.16
N GLY B 89 -3.85 -6.64 -9.74
CA GLY B 89 -3.12 -5.42 -9.43
C GLY B 89 -3.97 -4.18 -9.68
N VAL B 90 -3.27 -3.10 -10.03
CA VAL B 90 -3.87 -1.79 -10.24
C VAL B 90 -3.47 -1.32 -11.63
N TYR B 91 -4.44 -0.82 -12.39
CA TYR B 91 -4.23 -0.34 -13.75
C TYR B 91 -4.09 1.18 -13.78
N TYR B 92 -3.38 1.66 -14.80
CA TYR B 92 -3.18 3.10 -14.97
C TYR B 92 -3.22 3.45 -16.44
N CYS B 93 -3.91 4.56 -16.76
CA CYS B 93 -3.96 5.10 -18.11
C CYS B 93 -3.25 6.45 -18.15
N PHE B 94 -2.58 6.72 -19.26
CA PHE B 94 -1.82 7.96 -19.44
C PHE B 94 -2.56 8.85 -20.43
N GLN B 95 -2.67 10.14 -20.07
CA GLN B 95 -3.25 11.15 -20.97
C GLN B 95 -2.35 11.38 -22.19
N GLY B 96 -2.95 11.40 -23.38
CA GLY B 96 -2.20 11.45 -24.61
C GLY B 96 -2.17 12.74 -25.39
N SER B 97 -2.80 13.83 -24.93
CA SER B 97 -2.99 15.00 -25.77
C SER B 97 -2.22 16.23 -25.30
N HIS B 98 -2.48 16.72 -24.09
CA HIS B 98 -2.04 18.05 -23.69
C HIS B 98 -0.58 18.06 -23.28
N VAL B 99 -0.01 19.26 -23.27
CA VAL B 99 1.41 19.49 -22.96
C VAL B 99 1.86 19.05 -21.56
N PRO B 100 1.12 19.28 -20.42
CA PRO B 100 1.64 18.73 -19.15
C PRO B 100 1.33 17.24 -19.07
N TYR B 101 2.38 16.41 -19.20
CA TYR B 101 2.22 14.96 -19.37
C TYR B 101 1.91 14.29 -18.03
N THR B 102 0.69 14.54 -17.54
CA THR B 102 0.31 14.16 -16.19
C THR B 102 -0.29 12.76 -16.18
N PHE B 103 0.07 12.00 -15.16
CA PHE B 103 -0.41 10.63 -15.02
C PHE B 103 -1.88 10.61 -14.60
N GLY B 104 -2.45 9.40 -14.61
CA GLY B 104 -3.81 9.19 -14.15
C GLY B 104 -3.96 7.95 -13.30
N GLY B 105 -4.41 8.12 -12.06
CA GLY B 105 -4.56 6.99 -11.16
C GLY B 105 -5.99 6.63 -10.85
N GLY B 106 -6.19 5.54 -10.12
CA GLY B 106 -7.52 5.15 -9.69
C GLY B 106 -8.23 4.16 -10.58
N THR B 107 -7.58 3.04 -10.88
CA THR B 107 -8.19 1.96 -11.64
C THR B 107 -7.63 0.64 -11.11
N LYS B 108 -8.39 -0.04 -10.26
CA LYS B 108 -7.90 -1.21 -9.55
C LYS B 108 -8.77 -2.43 -9.87
N LEU B 109 -8.19 -3.60 -9.70
CA LEU B 109 -8.85 -4.87 -9.96
C LEU B 109 -9.46 -5.43 -8.69
N GLU B 110 -10.68 -5.93 -8.79
CA GLU B 110 -11.43 -6.45 -7.65
C GLU B 110 -11.91 -7.87 -7.95
N ILE B 111 -11.45 -8.83 -7.16
CA ILE B 111 -11.84 -10.22 -7.32
C ILE B 111 -13.22 -10.44 -6.70
N LYS B 112 -14.14 -11.00 -7.49
CA LYS B 112 -15.47 -11.34 -7.00
C LYS B 112 -15.47 -12.76 -6.42
N ARG B 113 -16.14 -12.91 -5.29
CA ARG B 113 -16.25 -14.20 -4.62
C ARG B 113 -17.51 -14.15 -3.75
N ALA B 114 -17.75 -15.24 -3.02
CA ALA B 114 -18.85 -15.25 -2.07
C ALA B 114 -18.52 -14.40 -0.85
N ASP B 115 -19.55 -14.01 -0.12
CA ASP B 115 -19.35 -13.22 1.08
C ASP B 115 -18.85 -14.09 2.24
N ALA B 116 -18.21 -13.45 3.21
CA ALA B 116 -17.57 -14.15 4.31
C ALA B 116 -18.13 -13.66 5.64
N ALA B 117 -18.20 -14.59 6.59
CA ALA B 117 -18.73 -14.31 7.91
C ALA B 117 -17.72 -13.51 8.75
N PRO B 118 -18.19 -12.64 9.63
CA PRO B 118 -17.29 -11.94 10.55
C PRO B 118 -16.63 -12.89 11.54
N THR B 119 -15.41 -12.53 11.95
CA THR B 119 -14.69 -13.21 13.02
C THR B 119 -14.32 -12.15 14.06
N VAL B 120 -14.93 -12.22 15.24
CA VAL B 120 -14.82 -11.18 16.26
C VAL B 120 -14.06 -11.76 17.45
N SER B 121 -13.06 -11.03 17.92
CA SER B 121 -12.32 -11.41 19.12
C SER B 121 -11.87 -10.16 19.85
N ILE B 122 -11.71 -10.29 21.17
CA ILE B 122 -11.38 -9.18 22.06
C ILE B 122 -10.08 -9.50 22.79
N PHE B 123 -9.21 -8.51 22.89
CA PHE B 123 -7.94 -8.62 23.61
C PHE B 123 -7.87 -7.52 24.66
N PRO B 124 -7.95 -7.89 25.96
CA PRO B 124 -7.54 -6.95 27.00
C PRO B 124 -6.03 -6.80 27.00
N PRO B 125 -5.51 -5.64 27.45
CA PRO B 125 -4.10 -5.33 27.21
C PRO B 125 -3.14 -6.15 28.05
N SER B 126 -1.92 -6.29 27.53
CA SER B 126 -0.85 -6.97 28.24
C SER B 126 -0.40 -6.16 29.44
N SER B 127 0.10 -6.86 30.47
CA SER B 127 0.47 -6.22 31.73
C SER B 127 1.68 -5.32 31.62
N GLU B 128 2.52 -5.51 30.59
CA GLU B 128 3.66 -4.62 30.38
C GLU B 128 3.21 -3.21 30.04
N GLN B 129 2.13 -3.09 29.25
CA GLN B 129 1.54 -1.78 29.00
C GLN B 129 0.75 -1.28 30.19
N LEU B 130 0.17 -2.18 30.98
CA LEU B 130 -0.56 -1.78 32.18
C LEU B 130 0.38 -1.25 33.26
N THR B 131 1.65 -1.64 33.24
CA THR B 131 2.62 -1.07 34.17
C THR B 131 3.10 0.31 33.74
N SER B 132 2.75 0.75 32.53
CA SER B 132 3.17 2.05 32.02
C SER B 132 2.07 3.11 32.09
N GLY B 133 0.98 2.83 32.79
CA GLY B 133 -0.07 3.82 32.96
C GLY B 133 -1.04 3.96 31.80
N GLY B 134 -1.08 2.99 30.88
CA GLY B 134 -1.99 3.06 29.76
C GLY B 134 -2.57 1.70 29.45
N ALA B 135 -3.60 1.71 28.61
CA ALA B 135 -4.28 0.47 28.24
C ALA B 135 -4.92 0.64 26.87
N SER B 136 -5.13 -0.50 26.20
CA SER B 136 -5.62 -0.53 24.84
C SER B 136 -6.48 -1.78 24.65
N VAL B 137 -7.78 -1.59 24.48
CA VAL B 137 -8.65 -2.71 24.13
C VAL B 137 -8.55 -2.96 22.63
N VAL B 138 -8.43 -4.23 22.25
CA VAL B 138 -8.32 -4.60 20.85
C VAL B 138 -9.54 -5.43 20.48
N CYS B 139 -10.25 -5.03 19.43
CA CYS B 139 -11.28 -5.86 18.82
C CYS B 139 -10.84 -6.17 17.40
N PHE B 140 -10.57 -7.45 17.14
CA PHE B 140 -10.24 -7.91 15.81
C PHE B 140 -11.49 -8.47 15.16
N LEU B 141 -11.85 -7.92 14.00
CA LEU B 141 -13.03 -8.34 13.26
C LEU B 141 -12.55 -8.62 11.83
N ASN B 142 -12.62 -9.88 11.44
CA ASN B 142 -11.93 -10.37 10.26
C ASN B 142 -12.90 -11.02 9.30
N ASN B 143 -12.40 -11.21 8.06
CA ASN B 143 -13.11 -11.82 6.94
C ASN B 143 -14.37 -11.03 6.57
N PHE B 144 -14.16 -9.75 6.27
CA PHE B 144 -15.19 -8.89 5.71
C PHE B 144 -15.05 -8.87 4.20
N TYR B 145 -16.09 -9.27 3.49
CA TYR B 145 -16.03 -9.24 2.03
C TYR B 145 -16.29 -7.86 1.42
N PRO B 146 -17.33 -7.07 1.77
CA PRO B 146 -17.45 -5.75 1.16
C PRO B 146 -16.78 -4.68 2.03
N LYS B 147 -16.78 -3.46 1.51
CA LYS B 147 -16.06 -2.35 2.13
C LYS B 147 -16.96 -1.40 2.91
N ASP B 148 -18.26 -1.67 3.02
CA ASP B 148 -19.17 -0.83 3.79
C ASP B 148 -19.34 -1.42 5.18
N ILE B 149 -18.35 -1.16 6.05
CA ILE B 149 -18.33 -1.65 7.41
C ILE B 149 -18.38 -0.45 8.34
N ASN B 150 -19.30 -0.44 9.30
CA ASN B 150 -19.39 0.69 10.22
C ASN B 150 -19.16 0.22 11.65
N VAL B 151 -18.14 0.76 12.30
CA VAL B 151 -17.71 0.29 13.62
C VAL B 151 -18.12 1.29 14.68
N LYS B 152 -18.42 0.79 15.88
CA LYS B 152 -18.72 1.60 17.05
C LYS B 152 -18.10 0.94 18.28
N TRP B 153 -17.89 1.74 19.32
CA TRP B 153 -17.30 1.25 20.55
C TRP B 153 -18.12 1.77 21.72
N LYS B 154 -18.34 0.92 22.72
CA LYS B 154 -19.16 1.27 23.87
C LYS B 154 -18.45 0.91 25.16
N ILE B 155 -18.64 1.74 26.18
CA ILE B 155 -18.00 1.53 27.47
C ILE B 155 -18.99 1.82 28.60
N ASP B 156 -19.54 0.73 29.17
CA ASP B 156 -20.59 0.75 30.20
C ASP B 156 -21.81 1.55 29.78
N GLY B 157 -22.38 1.17 28.63
CA GLY B 157 -23.60 1.79 28.16
C GLY B 157 -23.45 3.21 27.66
N SER B 158 -22.24 3.61 27.26
CA SER B 158 -21.96 4.97 26.84
C SER B 158 -21.23 4.94 25.50
N GLU B 159 -21.69 5.75 24.56
CA GLU B 159 -21.13 5.79 23.21
C GLU B 159 -20.03 6.84 23.19
N ARG B 160 -18.79 6.42 23.00
CA ARG B 160 -17.65 7.33 22.85
C ARG B 160 -16.75 6.82 21.74
N GLN B 161 -16.67 7.56 20.64
CA GLN B 161 -15.71 7.26 19.57
C GLN B 161 -14.46 8.12 19.70
N ASN B 162 -13.85 8.10 20.90
CA ASN B 162 -12.67 8.90 21.19
C ASN B 162 -11.56 8.00 21.71
N GLY B 163 -10.33 8.31 21.30
CA GLY B 163 -9.21 7.45 21.64
C GLY B 163 -9.16 6.17 20.85
N VAL B 164 -9.83 6.12 19.71
CA VAL B 164 -9.98 4.90 18.92
C VAL B 164 -9.24 5.07 17.61
N LEU B 165 -8.37 4.11 17.31
CA LEU B 165 -7.70 3.99 16.02
C LEU B 165 -8.17 2.72 15.34
N ASN B 166 -8.07 2.71 14.00
CA ASN B 166 -8.61 1.61 13.24
C ASN B 166 -7.64 1.28 12.11
N SER B 167 -7.56 0.01 11.76
CA SER B 167 -6.56 -0.47 10.81
C SER B 167 -7.18 -1.42 9.82
N TRP B 168 -6.85 -1.21 8.54
CA TRP B 168 -7.41 -1.90 7.39
C TRP B 168 -6.38 -2.89 6.82
N THR B 169 -6.77 -3.54 5.73
CA THR B 169 -5.83 -4.31 4.91
C THR B 169 -6.32 -4.27 3.47
N ASP B 170 -5.43 -4.67 2.56
CA ASP B 170 -5.74 -4.64 1.14
C ASP B 170 -6.37 -5.98 0.72
N GLN B 171 -6.50 -6.19 -0.59
CA GLN B 171 -7.05 -7.43 -1.11
C GLN B 171 -6.06 -8.58 -0.89
N ASP B 172 -6.49 -9.60 -0.16
CA ASP B 172 -5.64 -10.73 0.13
C ASP B 172 -5.40 -11.58 -1.11
N SER B 173 -4.21 -12.18 -1.18
CA SER B 173 -3.86 -12.98 -2.35
C SER B 173 -4.59 -14.31 -2.36
N LYS B 174 -4.70 -14.96 -1.21
CA LYS B 174 -5.33 -16.27 -1.11
C LYS B 174 -6.71 -16.24 -0.48
N ASP B 175 -6.91 -15.45 0.57
CA ASP B 175 -8.23 -15.37 1.19
C ASP B 175 -9.20 -14.53 0.36
N SER B 176 -8.68 -13.52 -0.35
CA SER B 176 -9.45 -12.62 -1.23
C SER B 176 -10.58 -11.92 -0.47
N THR B 177 -10.24 -11.31 0.66
CA THR B 177 -11.20 -10.59 1.47
C THR B 177 -10.46 -9.44 2.17
N TYR B 178 -11.10 -8.85 3.16
CA TYR B 178 -10.51 -7.80 3.97
C TYR B 178 -10.27 -8.32 5.39
N SER B 179 -9.81 -7.42 6.25
CA SER B 179 -9.59 -7.70 7.66
C SER B 179 -9.68 -6.37 8.40
N MET B 180 -9.96 -6.44 9.69
CA MET B 180 -10.27 -5.22 10.42
C MET B 180 -9.71 -5.28 11.83
N SER B 181 -9.00 -4.24 12.24
CA SER B 181 -8.52 -4.12 13.61
C SER B 181 -9.00 -2.81 14.21
N SER B 182 -9.46 -2.85 15.46
CA SER B 182 -9.90 -1.64 16.15
C SER B 182 -9.25 -1.60 17.52
N THR B 183 -8.54 -0.52 17.81
CA THR B 183 -7.91 -0.31 19.10
C THR B 183 -8.52 0.90 19.77
N LEU B 184 -8.86 0.77 21.05
CA LEU B 184 -9.28 1.90 21.87
C LEU B 184 -8.20 2.10 22.93
N THR B 185 -7.57 3.27 22.92
CA THR B 185 -6.35 3.53 23.69
C THR B 185 -6.61 4.67 24.66
N LEU B 186 -6.48 4.39 25.95
CA LEU B 186 -6.60 5.42 26.98
C LEU B 186 -5.57 5.13 28.07
N THR B 187 -5.63 5.89 29.17
CA THR B 187 -4.74 5.70 30.29
C THR B 187 -5.37 4.73 31.29
N LYS B 188 -4.56 4.30 32.27
CA LYS B 188 -5.03 3.33 33.25
C LYS B 188 -6.04 3.95 34.21
N ASP B 189 -5.86 5.21 34.59
CA ASP B 189 -6.88 5.92 35.32
C ASP B 189 -8.11 6.18 34.46
N GLU B 190 -7.91 6.38 33.15
CA GLU B 190 -9.01 6.49 32.21
C GLU B 190 -9.61 5.13 31.88
N TYR B 191 -8.85 4.05 32.09
CA TYR B 191 -9.37 2.69 31.92
C TYR B 191 -10.46 2.37 32.94
N GLU B 192 -10.10 2.37 34.22
CA GLU B 192 -10.91 1.76 35.27
C GLU B 192 -11.99 2.68 35.81
N ARG B 193 -12.40 3.70 35.05
CA ARG B 193 -13.61 4.44 35.37
C ARG B 193 -14.86 3.64 35.09
N HIS B 194 -14.78 2.61 34.24
CA HIS B 194 -15.90 1.76 33.89
C HIS B 194 -15.41 0.32 33.80
N ASN B 195 -16.34 -0.60 33.60
CA ASN B 195 -16.04 -2.04 33.73
C ASN B 195 -16.15 -2.81 32.42
N SER B 196 -17.30 -2.75 31.75
CA SER B 196 -17.54 -3.57 30.57
C SER B 196 -17.11 -2.85 29.30
N TYR B 197 -16.52 -3.60 28.37
CA TYR B 197 -15.98 -3.04 27.13
C TYR B 197 -16.63 -3.73 25.95
N THR B 198 -17.15 -2.94 25.00
CA THR B 198 -17.98 -3.44 23.91
C THR B 198 -17.47 -2.93 22.57
N CYS B 199 -17.34 -3.83 21.61
CA CYS B 199 -17.13 -3.45 20.21
C CYS B 199 -18.33 -3.91 19.39
N GLU B 200 -18.84 -3.01 18.52
CA GLU B 200 -20.00 -3.27 17.70
C GLU B 200 -19.65 -2.99 16.25
N ALA B 201 -20.18 -3.82 15.36
CA ALA B 201 -19.92 -3.67 13.93
C ALA B 201 -21.21 -3.74 13.13
N THR B 202 -21.17 -3.11 11.96
CA THR B 202 -22.29 -3.03 11.03
C THR B 202 -21.83 -3.61 9.71
N HIS B 203 -22.37 -4.78 9.39
CA HIS B 203 -22.11 -5.60 8.20
C HIS B 203 -23.44 -5.83 7.51
N LYS B 204 -23.40 -6.48 6.34
CA LYS B 204 -24.61 -6.69 5.55
C LYS B 204 -25.13 -8.13 5.61
N THR B 205 -24.26 -9.12 5.81
CA THR B 205 -24.73 -10.49 5.95
C THR B 205 -25.46 -10.68 7.27
N SER B 206 -24.87 -10.20 8.36
CA SER B 206 -25.60 -10.11 9.63
C SER B 206 -26.56 -8.94 9.53
N THR B 207 -27.85 -9.24 9.41
CA THR B 207 -28.86 -8.21 9.17
C THR B 207 -29.09 -7.29 10.36
N SER B 208 -28.60 -7.65 11.54
CA SER B 208 -28.48 -6.85 12.75
C SER B 208 -27.01 -6.56 13.03
N PRO B 209 -26.70 -5.38 13.59
CA PRO B 209 -25.30 -5.10 13.97
C PRO B 209 -24.85 -6.02 15.09
N ILE B 210 -23.60 -6.46 14.99
CA ILE B 210 -23.05 -7.45 15.93
C ILE B 210 -22.41 -6.71 17.10
N VAL B 211 -22.78 -7.12 18.31
CA VAL B 211 -22.39 -6.45 19.54
C VAL B 211 -21.66 -7.46 20.40
N LYS B 212 -20.45 -7.12 20.86
CA LYS B 212 -19.69 -8.05 21.70
C LYS B 212 -19.07 -7.28 22.87
N SER B 213 -19.45 -7.68 24.09
CA SER B 213 -19.02 -7.02 25.30
C SER B 213 -18.37 -8.03 26.24
N PHE B 214 -17.22 -7.64 26.78
CA PHE B 214 -16.47 -8.48 27.72
C PHE B 214 -16.21 -7.70 29.01
N ASN B 215 -15.83 -8.46 30.03
CA ASN B 215 -15.53 -7.93 31.36
C ASN B 215 -14.24 -8.54 31.88
N ARG B 216 -13.58 -7.82 32.77
CA ARG B 216 -12.36 -8.31 33.42
C ARG B 216 -12.16 -7.60 34.77
#